data_1H2M
#
_entry.id   1H2M
#
_cell.length_a   86.249
_cell.length_b   86.249
_cell.length_c   148.260
_cell.angle_alpha   90.00
_cell.angle_beta   90.00
_cell.angle_gamma   90.00
#
_symmetry.space_group_name_H-M   'P 41 21 2'
#
loop_
_entity.id
_entity.type
_entity.pdbx_description
1 polymer 'FACTOR INHIBITING HIF1'
2 polymer 'HYPOXIA-INDUCIBLE FACTOR 1 ALPHA'
3 non-polymer 'ZINC ION'
4 non-polymer N-OXALYLGLYCINE
5 non-polymer 'SULFATE ION'
6 water water
#
loop_
_entity_poly.entity_id
_entity_poly.type
_entity_poly.pdbx_seq_one_letter_code
_entity_poly.pdbx_strand_id
1 'polypeptide(L)'
;MAATAAEAVASGSGEPREEAGALGPAWDESQLRSYSFPTRPIPRLSQSDPRAEELIENEEPVVLTDTNLVYPALKWDLEY
LQENIGNGDFSVYSASTHKFLYYDEKKMANFQNFKPRSNREEMKFHEFVEKLQDIQQRGGEERLYLQQTLNDTVGRKIVM
DFLGFNWNWINKQQGKRGWGQLTSNLLLIGMEGNVTPAHYDEQQNFFAQIKGYKRCILFPPDQFECLYPYPVHHPCDRQS
QVDFDNPDYERFPNFQNVVGYETVVGPGDVLYIPMYWWHHIESLLNGGITITVNFWYKGAPTPKRIEYPLKAHQKVAIMR
NIEKMLGEALGNPQEVGPLLNTMIKGRYN
;
A
2 'polypeptide(L)' PSDLACRLLGQSMDESGLPQLTSYDCEVNAPIQGSRNLLQGEELLRALDQVN S
#
loop_
_chem_comp.id
_chem_comp.type
_chem_comp.name
_chem_comp.formula
OGA non-polymer N-OXALYLGLYCINE 'C4 H5 N O5'
SO4 non-polymer 'SULFATE ION' 'O4 S -2'
ZN non-polymer 'ZINC ION' 'Zn 2'
#
# COMPACT_ATOMS: atom_id res chain seq x y z
N GLU A 15 -15.12 -7.26 -16.57
CA GLU A 15 -14.85 -6.88 -17.98
C GLU A 15 -14.33 -5.44 -18.00
N PRO A 16 -13.23 -5.21 -18.70
CA PRO A 16 -12.63 -3.87 -18.72
C PRO A 16 -13.59 -2.80 -19.20
N ARG A 17 -13.60 -1.68 -18.51
CA ARG A 17 -14.50 -0.58 -18.85
C ARG A 17 -14.14 0.05 -20.19
N GLU A 18 -15.12 0.75 -20.77
CA GLU A 18 -14.86 1.49 -22.00
C GLU A 18 -14.57 2.95 -21.66
N GLU A 19 -13.48 3.47 -22.22
CA GLU A 19 -13.11 4.88 -22.05
C GLU A 19 -14.05 5.77 -22.87
N ALA A 20 -14.48 6.85 -22.23
CA ALA A 20 -15.35 7.86 -22.85
C ALA A 20 -14.82 8.30 -24.20
N GLY A 21 -15.74 8.48 -25.13
CA GLY A 21 -15.39 8.96 -26.45
C GLY A 21 -14.97 7.86 -27.38
N ALA A 22 -15.33 6.62 -27.03
CA ALA A 22 -15.02 5.44 -27.83
C ALA A 22 -13.52 5.25 -28.01
N LEU A 23 -12.76 5.51 -26.95
CA LEU A 23 -11.31 5.33 -27.02
C LEU A 23 -10.90 3.91 -26.74
N GLY A 24 -11.89 3.04 -26.64
CA GLY A 24 -11.64 1.64 -26.48
C GLY A 24 -11.49 1.23 -25.04
N PRO A 25 -11.09 -0.01 -24.88
CA PRO A 25 -10.90 -0.57 -23.55
C PRO A 25 -9.67 0.07 -22.93
N ALA A 26 -9.83 0.41 -21.66
CA ALA A 26 -8.76 0.97 -20.87
C ALA A 26 -7.57 -0.01 -20.74
N TRP A 27 -7.85 -1.30 -20.61
CA TRP A 27 -6.79 -2.31 -20.55
C TRP A 27 -7.34 -3.68 -20.97
N ASP A 28 -6.53 -4.72 -21.02
CA ASP A 28 -7.07 -6.05 -21.28
C ASP A 28 -6.44 -7.07 -20.40
N GLU A 29 -7.04 -8.25 -20.38
CA GLU A 29 -6.58 -9.39 -19.54
C GLU A 29 -5.10 -9.67 -19.66
N SER A 30 -4.55 -9.56 -20.87
CA SER A 30 -3.16 -9.92 -21.10
C SER A 30 -2.21 -9.07 -20.29
N GLN A 31 -2.71 -7.97 -19.74
CA GLN A 31 -1.88 -7.03 -18.98
C GLN A 31 -1.85 -7.41 -17.49
N LEU A 32 -2.62 -8.41 -17.11
CA LEU A 32 -2.67 -8.86 -15.72
C LEU A 32 -1.75 -10.04 -15.51
N ARG A 33 -1.01 -10.05 -14.41
CA ARG A 33 -0.15 -11.19 -14.11
C ARG A 33 -1.06 -12.34 -13.67
N SER A 34 -0.60 -13.56 -13.75
CA SER A 34 -1.48 -14.68 -13.43
C SER A 34 -1.08 -15.33 -12.10
N TYR A 35 -2.07 -15.75 -11.32
CA TYR A 35 -1.84 -16.23 -9.96
C TYR A 35 -2.66 -17.47 -9.67
N SER A 36 -2.40 -18.12 -8.55
CA SER A 36 -3.03 -19.42 -8.24
C SER A 36 -4.38 -19.33 -7.54
N PHE A 37 -4.85 -18.12 -7.28
CA PHE A 37 -6.05 -18.00 -6.49
C PHE A 37 -7.16 -17.28 -7.23
N PRO A 38 -8.38 -17.56 -6.84
CA PRO A 38 -9.51 -16.85 -7.39
C PRO A 38 -9.76 -15.56 -6.67
N THR A 39 -10.57 -14.67 -7.27
CA THR A 39 -10.97 -13.41 -6.69
C THR A 39 -12.39 -13.05 -7.11
N ARG A 40 -12.97 -12.11 -6.38
CA ARG A 40 -14.26 -11.55 -6.68
C ARG A 40 -14.00 -10.06 -6.84
N PRO A 41 -14.84 -9.38 -7.55
CA PRO A 41 -14.67 -7.93 -7.77
C PRO A 41 -15.02 -7.04 -6.60
N ILE A 42 -14.26 -5.98 -6.44
CA ILE A 42 -14.61 -5.00 -5.46
C ILE A 42 -15.67 -4.15 -6.15
N PRO A 43 -16.70 -3.72 -5.43
CA PRO A 43 -17.70 -2.85 -6.01
C PRO A 43 -17.14 -1.47 -6.43
N ARG A 44 -17.60 -0.94 -7.57
CA ARG A 44 -17.31 0.39 -8.06
C ARG A 44 -18.58 1.17 -7.95
N LEU A 45 -18.56 2.24 -7.17
CA LEU A 45 -19.77 2.96 -6.91
C LEU A 45 -19.51 4.44 -6.89
N SER A 46 -20.60 5.17 -7.03
CA SER A 46 -20.57 6.59 -6.91
C SER A 46 -20.48 6.89 -5.45
N GLN A 47 -19.88 8.02 -5.18
CA GLN A 47 -19.66 8.51 -3.86
C GLN A 47 -20.99 8.84 -3.18
N SER A 48 -21.99 9.17 -3.97
CA SER A 48 -23.29 9.55 -3.43
C SER A 48 -24.16 8.33 -3.11
N ASP A 49 -23.70 7.15 -3.54
CA ASP A 49 -24.45 5.92 -3.33
C ASP A 49 -24.36 5.45 -1.89
N PRO A 50 -25.50 5.29 -1.22
CA PRO A 50 -25.52 4.86 0.16
C PRO A 50 -24.74 3.59 0.38
N ARG A 51 -24.70 2.72 -0.62
CA ARG A 51 -23.99 1.45 -0.47
C ARG A 51 -22.50 1.67 -0.26
N ALA A 52 -21.99 2.77 -0.80
CA ALA A 52 -20.58 3.04 -0.65
C ALA A 52 -20.31 3.43 0.77
N GLU A 53 -21.22 4.19 1.35
CA GLU A 53 -21.04 4.63 2.71
C GLU A 53 -21.12 3.45 3.65
N GLU A 54 -22.04 2.53 3.39
CA GLU A 54 -22.17 1.33 4.20
C GLU A 54 -20.85 0.53 4.18
N LEU A 55 -20.17 0.49 3.04
CA LEU A 55 -18.99 -0.32 2.95
C LEU A 55 -17.86 0.25 3.78
N ILE A 56 -17.64 1.55 3.65
CA ILE A 56 -16.57 2.24 4.38
C ILE A 56 -16.81 2.17 5.88
N GLU A 57 -18.05 2.39 6.28
CA GLU A 57 -18.45 2.35 7.67
C GLU A 57 -18.11 1.00 8.25
N ASN A 58 -18.29 -0.04 7.44
CA ASN A 58 -18.00 -1.40 7.82
C ASN A 58 -16.62 -1.89 7.54
N GLU A 59 -15.72 -0.99 7.18
CA GLU A 59 -14.34 -1.37 6.90
C GLU A 59 -14.23 -2.46 5.84
N GLU A 60 -14.94 -2.25 4.74
CA GLU A 60 -14.86 -3.08 3.57
C GLU A 60 -14.50 -2.22 2.38
N PRO A 61 -13.71 -2.77 1.50
CA PRO A 61 -13.19 -2.02 0.36
C PRO A 61 -14.25 -1.56 -0.62
N VAL A 62 -13.98 -0.46 -1.30
CA VAL A 62 -14.88 0.03 -2.33
C VAL A 62 -14.10 0.95 -3.22
N VAL A 63 -14.39 0.91 -4.51
CA VAL A 63 -13.76 1.83 -5.41
C VAL A 63 -14.83 2.93 -5.66
N LEU A 64 -14.46 4.17 -5.38
CA LEU A 64 -15.30 5.34 -5.60
C LEU A 64 -14.86 5.99 -6.88
N THR A 65 -15.79 6.20 -7.80
CA THR A 65 -15.44 6.68 -9.14
C THR A 65 -15.50 8.18 -9.37
N ASP A 66 -16.18 8.89 -8.48
CA ASP A 66 -16.41 10.34 -8.65
C ASP A 66 -16.18 11.27 -7.45
N THR A 67 -15.16 11.02 -6.61
CA THR A 67 -14.90 11.87 -5.46
C THR A 67 -14.25 13.16 -5.87
N ASN A 68 -13.53 13.11 -6.97
CA ASN A 68 -12.76 14.27 -7.39
C ASN A 68 -11.68 14.54 -6.37
N LEU A 69 -11.34 13.54 -5.57
CA LEU A 69 -10.37 13.71 -4.48
C LEU A 69 -9.06 14.38 -4.90
N VAL A 70 -8.48 13.93 -6.00
CA VAL A 70 -7.25 14.52 -6.51
C VAL A 70 -7.43 15.06 -7.91
N TYR A 71 -8.62 15.59 -8.14
CA TYR A 71 -8.94 16.19 -9.41
C TYR A 71 -7.77 17.00 -9.99
N PRO A 72 -7.17 17.92 -9.25
CA PRO A 72 -6.07 18.73 -9.81
C PRO A 72 -4.81 17.98 -10.16
N ALA A 73 -4.65 16.76 -9.63
CA ALA A 73 -3.44 16.02 -9.96
C ALA A 73 -3.63 15.20 -11.24
N LEU A 74 -4.83 15.19 -11.80
CA LEU A 74 -5.00 14.39 -13.00
C LEU A 74 -4.14 14.83 -14.17
N LYS A 75 -3.62 16.04 -14.15
CA LYS A 75 -2.79 16.53 -15.24
C LYS A 75 -1.33 16.19 -15.00
N TRP A 76 -0.97 15.77 -13.79
CA TRP A 76 0.41 15.43 -13.49
C TRP A 76 1.00 14.39 -14.43
N ASP A 77 2.27 14.59 -14.78
CA ASP A 77 3.07 13.64 -15.54
C ASP A 77 4.50 13.98 -15.22
N LEU A 78 5.47 13.23 -15.69
CA LEU A 78 6.86 13.49 -15.28
C LEU A 78 7.32 14.90 -15.63
N GLU A 79 6.93 15.39 -16.80
CA GLU A 79 7.35 16.74 -17.17
C GLU A 79 6.84 17.81 -16.20
N TYR A 80 5.54 17.81 -15.93
CA TYR A 80 4.98 18.77 -14.99
C TYR A 80 5.58 18.67 -13.58
N LEU A 81 5.79 17.44 -13.11
CA LEU A 81 6.34 17.25 -11.76
C LEU A 81 7.80 17.68 -11.68
N GLN A 82 8.57 17.33 -12.71
CA GLN A 82 9.96 17.72 -12.73
C GLN A 82 10.04 19.24 -12.71
N GLU A 83 9.16 19.88 -13.45
CA GLU A 83 9.13 21.34 -13.48
C GLU A 83 8.66 21.97 -12.16
N ASN A 84 7.79 21.29 -11.41
CA ASN A 84 7.18 21.97 -10.26
C ASN A 84 7.34 21.41 -8.87
N ILE A 85 7.86 20.19 -8.74
CA ILE A 85 7.85 19.56 -7.43
C ILE A 85 8.98 19.93 -6.48
N GLY A 86 9.84 20.85 -6.87
CA GLY A 86 10.88 21.33 -5.96
C GLY A 86 12.19 20.59 -6.08
N ASN A 87 13.10 20.93 -5.18
CA ASN A 87 14.45 20.37 -5.18
C ASN A 87 14.69 19.48 -3.96
N GLY A 88 13.61 19.02 -3.33
CA GLY A 88 13.72 18.12 -2.19
C GLY A 88 14.24 16.75 -2.58
N ASP A 89 14.69 15.96 -1.63
CA ASP A 89 15.15 14.60 -1.95
C ASP A 89 13.98 13.65 -2.15
N PHE A 90 14.10 12.70 -3.08
CA PHE A 90 13.09 11.64 -3.24
C PHE A 90 13.65 10.23 -3.07
N SER A 91 12.99 9.43 -2.23
CA SER A 91 13.37 8.02 -2.07
C SER A 91 12.96 7.24 -3.31
N VAL A 92 13.93 6.56 -3.91
CA VAL A 92 13.70 5.74 -5.08
C VAL A 92 14.33 4.38 -4.88
N TYR A 93 13.50 3.36 -5.03
CA TYR A 93 13.94 2.01 -4.91
C TYR A 93 14.30 1.51 -6.25
N SER A 94 15.31 0.66 -6.24
CA SER A 94 15.86 0.07 -7.44
C SER A 94 15.83 -1.44 -7.23
N ALA A 95 15.50 -2.18 -8.26
CA ALA A 95 15.40 -3.61 -8.12
C ALA A 95 15.66 -4.31 -9.42
N SER A 96 16.07 -5.56 -9.30
CA SER A 96 16.32 -6.36 -10.48
C SER A 96 15.21 -7.35 -10.72
N THR A 97 14.13 -7.25 -9.95
CA THR A 97 12.96 -8.11 -10.13
C THR A 97 11.76 -7.22 -10.21
N HIS A 98 10.61 -7.74 -10.62
CA HIS A 98 9.41 -6.89 -10.63
C HIS A 98 8.86 -6.66 -9.22
N LYS A 99 9.36 -7.41 -8.24
CA LYS A 99 8.84 -7.35 -6.90
C LYS A 99 9.52 -6.40 -5.94
N PHE A 100 8.81 -5.37 -5.51
CA PHE A 100 9.39 -4.41 -4.56
C PHE A 100 8.94 -4.68 -3.11
N LEU A 101 9.44 -5.77 -2.54
CA LEU A 101 9.16 -6.08 -1.14
C LEU A 101 9.63 -4.94 -0.22
N TYR A 102 8.68 -4.39 0.52
CA TYR A 102 8.97 -3.36 1.50
C TYR A 102 9.78 -3.96 2.66
N TYR A 103 10.78 -3.21 3.12
CA TYR A 103 11.52 -3.59 4.31
C TYR A 103 11.89 -2.39 5.21
N ASP A 104 11.94 -2.65 6.50
CA ASP A 104 12.19 -1.61 7.46
C ASP A 104 13.65 -1.65 7.83
N GLU A 105 14.34 -0.62 7.39
CA GLU A 105 15.77 -0.56 7.59
C GLU A 105 16.17 -0.63 9.08
N LYS A 106 15.38 -0.03 9.97
CA LYS A 106 15.71 -0.01 11.40
C LYS A 106 15.77 -1.38 12.00
N LYS A 107 15.13 -2.34 11.37
CA LYS A 107 15.07 -3.69 11.89
C LYS A 107 16.12 -4.57 11.29
N MET A 108 16.92 -4.06 10.36
CA MET A 108 17.95 -4.90 9.73
C MET A 108 19.03 -5.47 10.67
N ALA A 109 19.43 -4.73 11.69
CA ALA A 109 20.46 -5.21 12.64
C ALA A 109 20.11 -6.55 13.31
N ASN A 110 18.84 -6.73 13.63
CA ASN A 110 18.40 -7.96 14.27
C ASN A 110 18.24 -9.18 13.33
N PHE A 111 18.47 -8.97 12.05
CA PHE A 111 18.43 -10.07 11.10
C PHE A 111 19.58 -9.91 10.11
N GLN A 112 20.80 -10.04 10.63
CA GLN A 112 22.01 -9.85 9.82
C GLN A 112 21.95 -10.60 8.49
N ASN A 113 21.27 -11.74 8.47
CA ASN A 113 21.19 -12.57 7.27
C ASN A 113 20.13 -12.14 6.25
N PHE A 114 19.41 -11.04 6.47
CA PHE A 114 18.42 -10.64 5.48
C PHE A 114 19.06 -9.76 4.43
N LYS A 115 18.92 -10.15 3.18
CA LYS A 115 19.56 -9.45 2.07
C LYS A 115 18.49 -8.91 1.12
N PRO A 116 18.24 -7.62 1.19
CA PRO A 116 17.13 -7.02 0.45
C PRO A 116 17.33 -7.15 -1.04
N ARG A 117 16.27 -7.39 -1.76
CA ARG A 117 16.34 -7.50 -3.20
C ARG A 117 16.23 -6.11 -3.81
N SER A 118 15.85 -5.11 -3.03
CA SER A 118 15.82 -3.74 -3.56
C SER A 118 16.60 -2.78 -2.65
N ASN A 119 17.22 -1.76 -3.24
CA ASN A 119 17.96 -0.75 -2.49
C ASN A 119 17.32 0.59 -2.66
N ARG A 120 17.40 1.41 -1.63
CA ARG A 120 16.88 2.76 -1.63
C ARG A 120 17.99 3.75 -1.93
N GLU A 121 17.70 4.71 -2.79
CA GLU A 121 18.63 5.78 -3.12
C GLU A 121 17.86 7.10 -3.06
N GLU A 122 18.48 8.13 -2.51
CA GLU A 122 17.86 9.42 -2.39
C GLU A 122 18.34 10.24 -3.55
N MET A 123 17.43 10.87 -4.28
CA MET A 123 17.86 11.70 -5.38
C MET A 123 16.85 12.79 -5.62
N LYS A 124 17.23 13.71 -6.50
CA LYS A 124 16.38 14.81 -6.92
C LYS A 124 15.45 14.26 -8.01
N PHE A 125 14.30 14.92 -8.19
CA PHE A 125 13.29 14.44 -9.11
C PHE A 125 13.82 14.34 -10.51
N HIS A 126 14.58 15.35 -10.92
CA HIS A 126 15.13 15.36 -12.26
C HIS A 126 16.08 14.16 -12.40
N GLU A 127 16.71 13.77 -11.30
CA GLU A 127 17.63 12.64 -11.35
C GLU A 127 16.83 11.37 -11.56
N PHE A 128 15.68 11.30 -10.90
CA PHE A 128 14.85 10.11 -11.05
C PHE A 128 14.39 10.03 -12.50
N VAL A 129 13.95 11.16 -13.03
CA VAL A 129 13.45 11.17 -14.40
C VAL A 129 14.55 10.76 -15.38
N GLU A 130 15.76 11.28 -15.16
CA GLU A 130 16.90 10.97 -16.00
C GLU A 130 17.17 9.47 -15.96
N LYS A 131 17.26 8.90 -14.76
CA LYS A 131 17.44 7.45 -14.62
C LYS A 131 16.37 6.69 -15.41
N LEU A 132 15.11 7.09 -15.32
CA LEU A 132 14.06 6.38 -16.07
C LEU A 132 14.35 6.41 -17.57
N GLN A 133 14.80 7.57 -18.03
CA GLN A 133 15.17 7.75 -19.44
C GLN A 133 16.35 6.85 -19.85
N ASP A 134 17.41 6.81 -19.05
CA ASP A 134 18.58 6.01 -19.41
C ASP A 134 18.24 4.51 -19.52
N ILE A 135 17.37 4.03 -18.66
CA ILE A 135 16.98 2.64 -18.71
C ILE A 135 16.22 2.36 -20.00
N GLN A 136 15.21 3.17 -20.28
CA GLN A 136 14.42 2.99 -21.48
C GLN A 136 15.34 2.91 -22.70
N GLN A 137 16.16 3.94 -22.88
CA GLN A 137 17.03 4.05 -24.04
C GLN A 137 18.01 2.90 -24.13
N ARG A 138 18.59 2.49 -23.01
CA ARG A 138 19.59 1.43 -23.02
C ARG A 138 18.94 0.04 -22.97
N GLY A 139 17.63 -0.01 -23.13
CA GLY A 139 16.90 -1.27 -23.03
C GLY A 139 17.24 -2.08 -21.78
N GLY A 140 17.57 -1.43 -20.67
CA GLY A 140 17.95 -2.11 -19.44
C GLY A 140 16.81 -2.83 -18.77
N GLU A 141 17.12 -3.80 -17.91
CA GLU A 141 16.08 -4.54 -17.18
C GLU A 141 15.83 -3.95 -15.77
N GLU A 142 16.68 -3.02 -15.35
CA GLU A 142 16.53 -2.38 -14.05
C GLU A 142 15.14 -1.79 -13.91
N ARG A 143 14.66 -1.73 -12.68
CA ARG A 143 13.35 -1.17 -12.41
C ARG A 143 13.40 -0.20 -11.26
N LEU A 144 12.61 0.85 -11.35
CA LEU A 144 12.60 1.85 -10.31
C LEU A 144 11.22 2.05 -9.78
N TYR A 145 11.15 2.39 -8.50
CA TYR A 145 9.88 2.75 -7.92
C TYR A 145 10.12 3.92 -6.97
N LEU A 146 9.58 5.08 -7.31
CA LEU A 146 9.66 6.24 -6.42
C LEU A 146 8.54 6.21 -5.40
N GLN A 147 8.91 6.48 -4.14
CA GLN A 147 7.95 6.40 -3.04
C GLN A 147 8.40 7.40 -2.01
N GLN A 148 7.66 8.48 -1.92
CA GLN A 148 8.06 9.63 -1.17
C GLN A 148 6.91 10.42 -0.66
N THR A 149 6.94 10.68 0.61
CA THR A 149 5.93 11.44 1.28
C THR A 149 6.00 12.86 0.78
N LEU A 150 4.84 13.45 0.52
CA LEU A 150 4.76 14.85 0.10
C LEU A 150 5.05 15.78 1.29
N ASN A 151 6.02 16.68 1.15
CA ASN A 151 6.33 17.61 2.24
C ASN A 151 6.50 19.06 1.79
N ASP A 152 7.02 19.89 2.71
CA ASP A 152 7.19 21.32 2.50
C ASP A 152 8.03 21.74 1.35
N THR A 153 8.89 20.87 0.85
CA THR A 153 9.82 21.32 -0.19
C THR A 153 9.19 21.34 -1.57
N VAL A 154 7.98 20.85 -1.73
CA VAL A 154 7.37 20.88 -3.05
C VAL A 154 7.14 22.32 -3.42
N GLY A 155 7.12 22.58 -4.73
CA GLY A 155 6.91 23.91 -5.27
C GLY A 155 5.49 24.45 -5.33
N ARG A 156 5.41 25.73 -5.71
CA ARG A 156 4.16 26.49 -5.69
C ARG A 156 3.02 25.86 -6.45
N LYS A 157 3.25 25.49 -7.69
CA LYS A 157 2.19 24.91 -8.47
C LYS A 157 1.68 23.63 -7.77
N ILE A 158 2.58 22.82 -7.20
CA ILE A 158 2.16 21.56 -6.57
C ILE A 158 1.35 21.83 -5.33
N VAL A 159 1.77 22.87 -4.63
CA VAL A 159 1.09 23.27 -3.42
C VAL A 159 -0.33 23.67 -3.81
N MET A 160 -0.47 24.39 -4.91
CA MET A 160 -1.80 24.80 -5.40
C MET A 160 -2.65 23.57 -5.72
N ASP A 161 -2.07 22.62 -6.44
CA ASP A 161 -2.72 21.37 -6.74
C ASP A 161 -3.21 20.61 -5.47
N PHE A 162 -2.33 20.51 -4.48
CA PHE A 162 -2.60 19.79 -3.26
C PHE A 162 -3.74 20.43 -2.53
N LEU A 163 -3.75 21.73 -2.52
CA LEU A 163 -4.76 22.48 -1.83
C LEU A 163 -6.12 22.31 -2.53
N GLY A 164 -6.10 22.03 -3.81
CA GLY A 164 -7.30 21.78 -4.58
C GLY A 164 -7.88 20.36 -4.49
N PHE A 165 -7.26 19.49 -3.69
CA PHE A 165 -7.78 18.17 -3.47
C PHE A 165 -9.13 18.36 -2.78
N ASN A 166 -10.04 17.38 -2.88
CA ASN A 166 -11.36 17.52 -2.25
C ASN A 166 -11.37 17.23 -0.72
N TRP A 167 -10.77 18.16 0.01
CA TRP A 167 -10.67 18.10 1.45
C TRP A 167 -12.07 18.06 2.06
N ASN A 168 -13.01 18.78 1.45
CA ASN A 168 -14.34 18.78 2.00
C ASN A 168 -14.86 17.35 2.16
N TRP A 169 -14.75 16.54 1.11
CA TRP A 169 -15.24 15.17 1.16
C TRP A 169 -14.37 14.28 2.05
N ILE A 170 -13.06 14.39 1.93
CA ILE A 170 -12.28 13.47 2.72
C ILE A 170 -12.36 13.82 4.23
N ASN A 171 -12.42 15.09 4.57
CA ASN A 171 -12.58 15.46 5.99
C ASN A 171 -13.89 14.95 6.59
N LYS A 172 -14.97 14.96 5.82
CA LYS A 172 -16.22 14.42 6.35
C LYS A 172 -16.05 12.90 6.56
N GLN A 173 -15.28 12.26 5.71
CA GLN A 173 -15.08 10.84 5.83
C GLN A 173 -14.34 10.59 7.15
N GLN A 174 -13.27 11.34 7.36
CA GLN A 174 -12.47 11.25 8.58
C GLN A 174 -13.37 11.49 9.82
N GLY A 175 -14.25 12.48 9.73
CA GLY A 175 -15.14 12.76 10.83
C GLY A 175 -16.21 11.70 11.00
N LYS A 176 -16.81 11.26 9.92
CA LYS A 176 -17.85 10.25 10.04
C LYS A 176 -17.34 8.92 10.66
N ARG A 177 -16.12 8.48 10.32
CA ARG A 177 -15.60 7.21 10.85
C ARG A 177 -14.78 7.30 12.16
N GLY A 178 -14.65 8.49 12.75
CA GLY A 178 -13.92 8.60 13.99
C GLY A 178 -12.43 8.45 13.80
N TRP A 179 -11.94 8.45 12.58
CA TRP A 179 -10.51 8.31 12.41
C TRP A 179 -9.64 9.32 13.11
N GLY A 180 -8.36 8.98 13.24
CA GLY A 180 -7.39 9.90 13.77
C GLY A 180 -6.89 10.77 12.65
N GLN A 181 -5.74 11.41 12.85
CA GLN A 181 -5.21 12.37 11.91
C GLN A 181 -4.61 11.80 10.62
N LEU A 182 -4.61 12.64 9.58
CA LEU A 182 -3.88 12.35 8.35
C LEU A 182 -2.40 12.33 8.75
N THR A 183 -1.70 11.21 8.53
CA THR A 183 -0.30 11.16 8.90
C THR A 183 0.51 11.49 7.70
N SER A 184 0.02 11.18 6.49
CA SER A 184 0.80 11.47 5.31
C SER A 184 0.16 11.10 4.03
N ASN A 185 0.77 11.54 2.96
CA ASN A 185 0.32 11.24 1.63
C ASN A 185 1.57 10.77 0.92
N LEU A 186 1.55 9.55 0.45
CA LEU A 186 2.72 9.03 -0.23
C LEU A 186 2.55 9.16 -1.74
N LEU A 187 3.55 9.72 -2.40
CA LEU A 187 3.49 9.79 -3.86
C LEU A 187 4.18 8.53 -4.38
N LEU A 188 3.48 7.78 -5.23
CA LEU A 188 4.07 6.58 -5.79
C LEU A 188 4.14 6.67 -7.31
N ILE A 189 5.35 6.55 -7.85
CA ILE A 189 5.51 6.59 -9.29
C ILE A 189 6.29 5.35 -9.66
N GLY A 190 5.67 4.52 -10.49
CA GLY A 190 6.21 3.21 -10.82
C GLY A 190 6.28 2.95 -12.29
N MET A 191 7.15 2.01 -12.66
CA MET A 191 7.26 1.56 -14.02
C MET A 191 6.27 0.42 -14.24
N GLU A 192 5.84 0.28 -15.48
CA GLU A 192 4.90 -0.75 -15.84
C GLU A 192 5.44 -2.09 -15.42
N GLY A 193 4.56 -2.95 -14.92
CA GLY A 193 5.00 -4.25 -14.42
C GLY A 193 5.45 -4.26 -12.97
N ASN A 194 5.66 -3.12 -12.34
CA ASN A 194 6.11 -3.11 -10.94
C ASN A 194 5.05 -3.71 -10.04
N VAL A 195 5.49 -4.43 -9.02
CA VAL A 195 4.59 -5.02 -8.04
C VAL A 195 5.00 -4.70 -6.61
N THR A 196 4.03 -4.33 -5.80
CA THR A 196 4.26 -4.23 -4.37
C THR A 196 3.59 -5.48 -3.83
N PRO A 197 4.39 -6.39 -3.27
CA PRO A 197 3.87 -7.65 -2.76
C PRO A 197 2.93 -7.44 -1.58
N ALA A 198 2.10 -8.45 -1.36
CA ALA A 198 1.05 -8.42 -0.36
C ALA A 198 1.52 -8.09 1.04
N HIS A 199 0.79 -7.17 1.66
CA HIS A 199 1.06 -6.72 3.02
C HIS A 199 -0.17 -6.05 3.55
N TYR A 200 -0.14 -5.74 4.86
CA TYR A 200 -1.20 -4.96 5.50
C TYR A 200 -0.57 -3.73 6.16
N ASP A 201 -1.32 -2.63 6.30
CA ASP A 201 -0.82 -1.39 6.90
C ASP A 201 -1.65 -1.16 8.12
N GLU A 202 -1.13 -0.50 9.15
CA GLU A 202 -1.96 -0.23 10.35
C GLU A 202 -2.72 1.09 10.28
N GLN A 203 -2.95 1.62 9.09
CA GLN A 203 -3.69 2.85 8.96
C GLN A 203 -4.75 2.64 7.94
N GLN A 204 -5.74 3.52 7.93
CA GLN A 204 -6.80 3.52 6.97
C GLN A 204 -6.24 4.27 5.77
N ASN A 205 -6.60 3.84 4.56
CA ASN A 205 -6.04 4.41 3.35
C ASN A 205 -7.07 4.71 2.25
N PHE A 206 -7.14 5.98 1.83
CA PHE A 206 -7.83 6.28 0.60
C PHE A 206 -6.70 6.40 -0.43
N PHE A 207 -6.77 5.54 -1.45
CA PHE A 207 -5.75 5.32 -2.48
C PHE A 207 -6.23 5.90 -3.79
N ALA A 208 -5.65 7.04 -4.14
CA ALA A 208 -6.07 7.88 -5.26
C ALA A 208 -5.22 7.72 -6.52
N GLN A 209 -5.81 7.09 -7.52
CA GLN A 209 -5.08 6.83 -8.74
C GLN A 209 -5.10 8.06 -9.64
N ILE A 210 -3.95 8.31 -10.25
CA ILE A 210 -3.73 9.53 -11.00
C ILE A 210 -3.37 9.30 -12.43
N LYS A 211 -2.37 8.47 -12.71
CA LYS A 211 -1.95 8.16 -14.07
C LYS A 211 -1.73 6.68 -14.18
N GLY A 212 -2.18 6.09 -15.29
CA GLY A 212 -2.04 4.68 -15.53
C GLY A 212 -2.99 3.83 -14.71
N TYR A 213 -2.80 2.54 -14.80
CA TYR A 213 -3.71 1.60 -14.18
C TYR A 213 -2.98 0.65 -13.26
N LYS A 214 -3.56 0.41 -12.10
CA LYS A 214 -3.03 -0.52 -11.14
C LYS A 214 -4.04 -1.58 -10.78
N ARG A 215 -3.61 -2.83 -10.77
CA ARG A 215 -4.49 -3.90 -10.33
C ARG A 215 -4.27 -4.11 -8.86
N CYS A 216 -5.32 -4.01 -8.07
CA CYS A 216 -5.21 -4.13 -6.62
C CYS A 216 -5.95 -5.37 -6.16
N ILE A 217 -5.26 -6.31 -5.49
CA ILE A 217 -5.89 -7.51 -4.96
C ILE A 217 -5.80 -7.42 -3.43
N LEU A 218 -6.95 -7.53 -2.77
CA LEU A 218 -7.07 -7.36 -1.35
C LEU A 218 -7.56 -8.63 -0.68
N PHE A 219 -7.14 -8.85 0.57
CA PHE A 219 -7.63 -10.02 1.33
C PHE A 219 -8.02 -9.52 2.71
N PRO A 220 -9.14 -9.97 3.23
CA PRO A 220 -9.57 -9.52 4.57
C PRO A 220 -8.64 -10.01 5.66
N PRO A 221 -8.71 -9.35 6.80
CA PRO A 221 -7.85 -9.68 7.93
C PRO A 221 -8.04 -11.13 8.40
N ASP A 222 -9.18 -11.76 8.09
CA ASP A 222 -9.40 -13.10 8.60
C ASP A 222 -8.72 -14.11 7.71
N GLN A 223 -7.89 -13.64 6.81
CA GLN A 223 -7.11 -14.58 6.02
C GLN A 223 -5.67 -14.56 6.50
N PHE A 224 -5.45 -14.01 7.68
CA PHE A 224 -4.13 -14.06 8.30
C PHE A 224 -3.49 -15.49 8.17
N GLU A 225 -4.24 -16.55 8.50
CA GLU A 225 -3.72 -17.91 8.48
C GLU A 225 -3.22 -18.34 7.10
N CYS A 226 -3.73 -17.70 6.05
CA CYS A 226 -3.35 -18.10 4.69
C CYS A 226 -2.22 -17.27 4.10
N LEU A 227 -1.89 -16.12 4.71
CA LEU A 227 -0.90 -15.23 4.11
C LEU A 227 0.49 -15.16 4.75
N TYR A 228 0.60 -15.73 5.92
CA TYR A 228 1.90 -15.95 6.57
C TYR A 228 2.88 -14.78 6.63
N PRO A 229 2.50 -13.74 7.35
CA PRO A 229 3.37 -12.57 7.51
C PRO A 229 4.67 -12.92 8.18
N TYR A 230 5.75 -12.20 7.86
CA TYR A 230 7.00 -12.39 8.54
C TYR A 230 6.82 -12.11 10.06
N PRO A 231 7.76 -12.54 10.87
CA PRO A 231 7.78 -12.16 12.27
C PRO A 231 7.79 -10.62 12.46
N VAL A 232 7.19 -10.16 13.55
CA VAL A 232 7.08 -8.78 13.78
C VAL A 232 8.45 -8.06 13.82
N HIS A 233 9.49 -8.68 14.36
CA HIS A 233 10.82 -8.05 14.45
C HIS A 233 11.67 -8.17 13.17
N HIS A 234 11.19 -8.90 12.21
CA HIS A 234 11.87 -9.02 10.95
C HIS A 234 11.57 -7.80 10.09
N PRO A 235 12.54 -7.36 9.31
CA PRO A 235 12.35 -6.18 8.49
C PRO A 235 11.15 -6.24 7.58
N CYS A 236 10.64 -7.41 7.24
CA CYS A 236 9.50 -7.46 6.36
C CYS A 236 8.24 -7.70 7.17
N ASP A 237 8.29 -7.31 8.44
CA ASP A 237 7.10 -7.20 9.25
C ASP A 237 5.91 -6.65 8.45
N ARG A 238 4.81 -7.37 8.50
CA ARG A 238 3.53 -6.98 7.86
C ARG A 238 3.43 -7.43 6.37
N GLN A 239 4.52 -7.90 5.78
CA GLN A 239 4.47 -8.42 4.41
C GLN A 239 4.26 -9.95 4.48
N SER A 240 3.61 -10.51 3.46
CA SER A 240 3.39 -11.94 3.37
C SER A 240 4.70 -12.60 2.98
N GLN A 241 4.99 -13.78 3.51
CA GLN A 241 6.20 -14.53 3.14
C GLN A 241 5.97 -15.34 1.83
N VAL A 242 4.73 -15.43 1.36
CA VAL A 242 4.52 -16.28 0.22
C VAL A 242 4.89 -15.56 -1.02
N ASP A 243 5.65 -16.22 -1.88
CA ASP A 243 5.95 -15.68 -3.19
C ASP A 243 4.79 -16.02 -4.11
N PHE A 244 4.00 -15.00 -4.42
CA PHE A 244 2.84 -15.19 -5.22
C PHE A 244 3.14 -15.82 -6.60
N ASP A 245 4.33 -15.58 -7.15
CA ASP A 245 4.69 -16.17 -8.41
C ASP A 245 5.09 -17.65 -8.29
N ASN A 246 5.48 -18.12 -7.11
CA ASN A 246 5.89 -19.51 -6.94
C ASN A 246 5.64 -19.99 -5.53
N PRO A 247 4.39 -20.18 -5.20
CA PRO A 247 4.01 -20.51 -3.82
C PRO A 247 4.51 -21.87 -3.35
N ASP A 248 5.11 -21.87 -2.18
CA ASP A 248 5.57 -23.06 -1.58
C ASP A 248 4.46 -23.59 -0.65
N TYR A 249 3.65 -24.48 -1.18
CA TYR A 249 2.54 -25.04 -0.39
C TYR A 249 2.99 -25.92 0.76
N GLU A 250 4.25 -26.36 0.77
CA GLU A 250 4.79 -27.08 1.90
C GLU A 250 4.98 -26.19 3.11
N ARG A 251 5.56 -25.01 2.93
CA ARG A 251 5.72 -24.14 4.07
C ARG A 251 4.44 -23.42 4.32
N PHE A 252 3.64 -23.15 3.30
CA PHE A 252 2.44 -22.33 3.49
C PHE A 252 1.18 -22.98 2.93
N PRO A 253 0.77 -24.06 3.54
CA PRO A 253 -0.31 -24.88 2.97
C PRO A 253 -1.62 -24.10 2.86
N ASN A 254 -1.92 -23.23 3.83
CA ASN A 254 -3.22 -22.54 3.70
C ASN A 254 -3.26 -21.48 2.61
N PHE A 255 -2.15 -21.23 1.95
CA PHE A 255 -2.25 -20.30 0.83
C PHE A 255 -3.12 -20.90 -0.29
N GLN A 256 -3.38 -22.19 -0.19
CA GLN A 256 -4.18 -22.89 -1.16
C GLN A 256 -5.65 -22.53 -0.97
N ASN A 257 -5.96 -21.89 0.15
CA ASN A 257 -7.32 -21.50 0.51
C ASN A 257 -7.56 -20.00 0.42
N VAL A 258 -6.59 -19.21 -0.03
CA VAL A 258 -6.79 -17.76 -0.10
C VAL A 258 -7.75 -17.35 -1.21
N VAL A 259 -8.53 -16.31 -0.93
CA VAL A 259 -9.49 -15.77 -1.91
C VAL A 259 -9.47 -14.24 -1.91
N GLY A 260 -9.13 -13.62 -3.02
CA GLY A 260 -9.08 -12.17 -3.07
C GLY A 260 -10.32 -11.40 -3.56
N TYR A 261 -10.27 -10.09 -3.33
CA TYR A 261 -11.23 -9.15 -3.84
C TYR A 261 -10.38 -8.29 -4.76
N GLU A 262 -10.72 -8.19 -6.03
CA GLU A 262 -9.82 -7.45 -6.91
C GLU A 262 -10.52 -6.37 -7.72
N THR A 263 -9.70 -5.49 -8.21
CA THR A 263 -10.13 -4.40 -9.05
C THR A 263 -8.94 -3.76 -9.76
N VAL A 264 -9.26 -3.02 -10.78
CA VAL A 264 -8.29 -2.26 -11.51
C VAL A 264 -8.73 -0.82 -11.43
N VAL A 265 -7.87 0.02 -10.87
CA VAL A 265 -8.19 1.43 -10.77
C VAL A 265 -7.42 2.23 -11.79
N GLY A 266 -8.07 3.26 -12.29
CA GLY A 266 -7.49 4.18 -13.22
C GLY A 266 -7.61 5.64 -12.79
N PRO A 267 -7.18 6.55 -13.64
CA PRO A 267 -7.21 7.98 -13.29
C PRO A 267 -8.57 8.37 -12.79
N GLY A 268 -8.63 9.00 -11.62
CA GLY A 268 -9.89 9.47 -11.10
C GLY A 268 -10.49 8.54 -10.08
N ASP A 269 -10.08 7.29 -10.04
CA ASP A 269 -10.68 6.36 -9.10
C ASP A 269 -9.97 6.46 -7.73
N VAL A 270 -10.71 6.14 -6.68
CA VAL A 270 -10.21 6.08 -5.32
C VAL A 270 -10.59 4.77 -4.68
N LEU A 271 -9.60 4.01 -4.26
CA LEU A 271 -9.85 2.74 -3.63
C LEU A 271 -9.70 2.89 -2.14
N TYR A 272 -10.74 2.53 -1.41
CA TYR A 272 -10.65 2.52 0.03
C TYR A 272 -10.01 1.21 0.43
N ILE A 273 -8.85 1.27 1.04
CA ILE A 273 -8.14 0.10 1.58
C ILE A 273 -8.15 0.17 3.09
N PRO A 274 -9.03 -0.60 3.69
CA PRO A 274 -9.31 -0.55 5.10
C PRO A 274 -8.16 -1.09 5.87
N MET A 275 -7.97 -0.53 7.06
CA MET A 275 -6.83 -0.84 7.93
C MET A 275 -6.78 -2.33 8.20
N TYR A 276 -5.58 -2.89 8.14
CA TYR A 276 -5.41 -4.36 8.37
C TYR A 276 -5.76 -5.24 7.19
N TRP A 277 -6.33 -4.70 6.11
CA TRP A 277 -6.61 -5.52 4.93
C TRP A 277 -5.38 -5.72 4.11
N TRP A 278 -5.09 -6.95 3.74
CA TRP A 278 -3.91 -7.24 2.92
C TRP A 278 -4.10 -6.65 1.53
N HIS A 279 -3.04 -6.17 0.90
CA HIS A 279 -3.19 -5.72 -0.46
C HIS A 279 -1.95 -5.98 -1.26
N HIS A 280 -2.14 -6.35 -2.51
CA HIS A 280 -1.09 -6.66 -3.48
C HIS A 280 -1.40 -5.69 -4.60
N ILE A 281 -0.43 -4.91 -5.05
CA ILE A 281 -0.70 -3.86 -6.04
C ILE A 281 0.24 -3.97 -7.18
N GLU A 282 -0.29 -3.99 -8.39
CA GLU A 282 0.58 -4.15 -9.56
C GLU A 282 0.25 -3.17 -10.66
N SER A 283 1.27 -2.55 -11.21
CA SER A 283 1.09 -1.62 -12.32
C SER A 283 0.99 -2.47 -13.61
N LEU A 284 -0.08 -2.30 -14.39
CA LEU A 284 -0.29 -3.17 -15.53
C LEU A 284 0.91 -3.32 -16.45
N LEU A 285 1.13 -4.55 -16.91
CA LEU A 285 2.18 -4.84 -17.87
C LEU A 285 1.91 -4.02 -19.11
N ASN A 286 2.95 -3.43 -19.64
CA ASN A 286 2.82 -2.62 -20.87
C ASN A 286 1.83 -1.45 -20.78
N GLY A 287 1.61 -0.91 -19.58
CA GLY A 287 0.67 0.17 -19.37
C GLY A 287 1.31 1.51 -19.12
N GLY A 288 2.63 1.57 -19.14
CA GLY A 288 3.35 2.81 -18.93
C GLY A 288 3.49 3.10 -17.45
N ILE A 289 3.98 4.27 -17.09
CA ILE A 289 4.24 4.57 -15.71
C ILE A 289 2.94 4.81 -14.97
N THR A 290 2.95 4.56 -13.68
CA THR A 290 1.76 4.81 -12.91
C THR A 290 2.03 5.87 -11.89
N ILE A 291 0.99 6.58 -11.50
CA ILE A 291 1.15 7.54 -10.46
C ILE A 291 -0.02 7.43 -9.53
N THR A 292 0.24 7.46 -8.23
CA THR A 292 -0.78 7.35 -7.25
C THR A 292 -0.44 8.23 -6.08
N VAL A 293 -1.44 8.74 -5.39
CA VAL A 293 -1.21 9.43 -4.14
C VAL A 293 -2.15 8.85 -3.09
N ASN A 294 -1.61 8.40 -1.95
CA ASN A 294 -2.48 7.86 -0.91
C ASN A 294 -2.69 8.85 0.21
N PHE A 295 -3.66 8.51 1.05
CA PHE A 295 -4.06 9.33 2.19
C PHE A 295 -4.16 8.37 3.37
N TRP A 296 -3.18 8.42 4.26
CA TRP A 296 -3.11 7.52 5.41
C TRP A 296 -3.59 8.22 6.69
N TYR A 297 -4.60 7.63 7.31
CA TYR A 297 -5.17 8.12 8.55
C TYR A 297 -5.00 7.10 9.67
N LYS A 298 -4.73 7.58 10.88
CA LYS A 298 -4.66 6.70 12.04
C LYS A 298 -6.03 6.20 12.27
N GLY A 299 -6.16 4.97 12.72
CA GLY A 299 -7.49 4.42 12.96
C GLY A 299 -8.17 5.05 14.15
N ALA A 300 -9.45 4.78 14.29
CA ALA A 300 -10.20 5.22 15.46
C ALA A 300 -9.64 4.56 16.71
N PRO A 301 -10.09 5.02 17.86
CA PRO A 301 -9.58 4.46 19.14
C PRO A 301 -10.16 3.10 19.46
N THR A 302 -9.38 2.30 20.17
CA THR A 302 -9.83 1.00 20.65
C THR A 302 -10.76 1.29 21.82
N PRO A 303 -12.03 0.87 21.76
CA PRO A 303 -12.97 1.23 22.84
C PRO A 303 -12.47 0.78 24.21
N GLU A 307 -16.24 -5.41 23.03
CA GLU A 307 -17.36 -6.33 22.88
C GLU A 307 -16.98 -7.59 22.13
N TYR A 308 -17.50 -8.71 22.61
CA TYR A 308 -17.26 -9.99 21.97
C TYR A 308 -18.44 -10.21 21.04
N PRO A 309 -18.27 -11.03 20.01
CA PRO A 309 -17.01 -11.75 19.73
C PRO A 309 -15.94 -10.86 19.06
N LEU A 310 -14.66 -11.09 19.31
CA LEU A 310 -13.62 -10.20 18.75
C LEU A 310 -13.47 -10.28 17.24
N LYS A 311 -13.24 -9.13 16.61
CA LYS A 311 -13.01 -9.11 15.18
C LYS A 311 -11.61 -9.61 14.77
N ALA A 312 -11.53 -10.14 13.57
CA ALA A 312 -10.28 -10.63 13.05
C ALA A 312 -9.15 -9.64 13.27
N HIS A 313 -9.38 -8.36 12.98
CA HIS A 313 -8.30 -7.41 13.05
C HIS A 313 -7.87 -7.21 14.48
N GLN A 314 -8.78 -7.42 15.41
CA GLN A 314 -8.42 -7.29 16.80
C GLN A 314 -7.48 -8.43 17.22
N LYS A 315 -7.78 -9.63 16.71
CA LYS A 315 -6.93 -10.75 17.03
C LYS A 315 -5.51 -10.49 16.46
N VAL A 316 -5.46 -9.86 15.29
CA VAL A 316 -4.19 -9.58 14.68
C VAL A 316 -3.42 -8.61 15.57
N ALA A 317 -4.13 -7.62 16.08
CA ALA A 317 -3.53 -6.65 17.00
C ALA A 317 -2.95 -7.33 18.21
N ILE A 318 -3.66 -8.34 18.66
CA ILE A 318 -3.22 -9.10 19.82
C ILE A 318 -1.94 -9.86 19.50
N MET A 319 -1.88 -10.55 18.36
CA MET A 319 -0.70 -11.36 18.04
C MET A 319 0.56 -10.48 17.93
N ARG A 320 0.41 -9.31 17.33
CA ARG A 320 1.53 -8.41 17.18
C ARG A 320 2.03 -8.03 18.57
N ASN A 321 1.09 -7.75 19.45
CA ASN A 321 1.48 -7.29 20.79
C ASN A 321 2.23 -8.38 21.53
N ILE A 322 1.77 -9.62 21.43
CA ILE A 322 2.43 -10.70 22.12
C ILE A 322 3.88 -10.77 21.59
N GLU A 323 4.05 -10.74 20.26
CA GLU A 323 5.36 -10.86 19.70
C GLU A 323 6.22 -9.75 20.18
N LYS A 324 5.68 -8.56 20.21
CA LYS A 324 6.46 -7.40 20.64
C LYS A 324 6.91 -7.54 22.10
N MET A 325 5.99 -7.90 23.00
CA MET A 325 6.31 -8.04 24.43
C MET A 325 7.36 -9.12 24.71
N LEU A 326 7.23 -10.24 24.00
CA LEU A 326 8.18 -11.34 24.16
C LEU A 326 9.57 -10.91 23.77
N GLY A 327 9.67 -10.18 22.66
CA GLY A 327 10.94 -9.68 22.17
C GLY A 327 11.60 -8.78 23.18
N GLU A 328 10.82 -7.90 23.80
CA GLU A 328 11.42 -7.06 24.83
C GLU A 328 11.76 -7.86 26.06
N ALA A 329 10.88 -8.77 26.46
CA ALA A 329 11.10 -9.49 27.71
C ALA A 329 12.26 -10.44 27.67
N LEU A 330 12.49 -11.06 26.54
CA LEU A 330 13.60 -11.99 26.41
C LEU A 330 14.91 -11.31 26.08
N GLY A 331 14.85 -10.04 25.70
CA GLY A 331 16.05 -9.29 25.38
C GLY A 331 16.69 -9.60 24.04
N ASN A 332 16.10 -10.52 23.27
CA ASN A 332 16.59 -10.85 21.94
C ASN A 332 15.43 -11.36 21.09
N PRO A 333 15.08 -10.67 20.02
CA PRO A 333 13.92 -11.06 19.23
C PRO A 333 14.07 -12.43 18.63
N GLN A 334 15.30 -12.86 18.45
CA GLN A 334 15.55 -14.18 17.88
C GLN A 334 15.13 -15.26 18.84
N GLU A 335 14.88 -14.90 20.10
CA GLU A 335 14.47 -15.89 21.05
C GLU A 335 12.96 -16.07 21.05
N VAL A 336 12.25 -15.23 20.29
CA VAL A 336 10.78 -15.28 20.23
C VAL A 336 10.20 -16.60 19.73
N GLY A 337 10.74 -17.09 18.64
CA GLY A 337 10.28 -18.35 18.10
C GLY A 337 10.40 -19.54 19.01
N PRO A 338 11.62 -19.83 19.46
CA PRO A 338 11.82 -20.97 20.36
C PRO A 338 10.90 -20.92 21.58
N LEU A 339 10.70 -19.77 22.18
CA LEU A 339 9.81 -19.75 23.32
C LEU A 339 8.39 -20.13 22.90
N LEU A 340 7.91 -19.53 21.80
CA LEU A 340 6.54 -19.83 21.32
C LEU A 340 6.41 -21.31 21.02
N ASN A 341 7.43 -21.86 20.38
CA ASN A 341 7.38 -23.27 20.07
C ASN A 341 7.33 -24.11 21.32
N THR A 342 8.15 -23.72 22.27
CA THR A 342 8.16 -24.39 23.53
C THR A 342 6.79 -24.28 24.20
N MET A 343 6.10 -23.15 24.03
CA MET A 343 4.78 -23.00 24.62
C MET A 343 3.73 -23.94 24.03
N ILE A 344 3.74 -24.16 22.70
CA ILE A 344 2.65 -24.94 22.12
C ILE A 344 2.89 -26.42 21.93
N LYS A 345 4.12 -26.85 21.69
CA LYS A 345 4.25 -28.27 21.36
C LYS A 345 3.91 -29.21 22.45
N GLY A 346 3.00 -30.10 22.10
CA GLY A 346 2.52 -31.08 23.01
C GLY A 346 1.55 -30.47 23.99
N ARG A 347 1.20 -29.21 23.80
CA ARG A 347 0.38 -28.48 24.75
C ARG A 347 -0.87 -27.87 24.09
N TYR A 348 -0.70 -27.18 22.98
CA TYR A 348 -1.81 -26.57 22.26
C TYR A 348 -1.91 -27.00 20.79
N ASN A 349 -0.96 -27.77 20.28
CA ASN A 349 -1.05 -28.16 18.87
C ASN A 349 -1.43 -29.59 18.58
N LEU B 21 -3.77 -4.69 24.95
CA LEU B 21 -3.51 -5.90 24.10
C LEU B 21 -4.15 -5.73 22.74
N THR B 22 -5.44 -5.43 22.75
CA THR B 22 -6.18 -4.97 21.59
C THR B 22 -5.70 -3.64 21.00
N SER B 23 -4.80 -2.96 21.66
CA SER B 23 -4.33 -1.70 21.11
C SER B 23 -3.35 -1.86 19.95
N TYR B 24 -3.34 -0.89 19.06
CA TYR B 24 -2.54 -0.96 17.85
C TYR B 24 -1.71 0.25 17.59
N ASP B 25 -0.69 0.06 16.78
CA ASP B 25 0.21 1.15 16.40
C ASP B 25 -0.26 1.64 15.06
N CYS B 26 0.58 2.43 14.36
CA CYS B 26 0.17 3.02 13.09
C CYS B 26 1.24 2.80 12.00
N GLU B 27 1.85 1.63 11.98
CA GLU B 27 2.88 1.39 10.97
C GLU B 27 2.35 1.01 9.57
N VAL B 28 3.06 1.53 8.57
CA VAL B 28 2.72 1.39 7.17
C VAL B 28 4.01 1.22 6.34
N ASN B 29 3.86 0.96 5.05
CA ASN B 29 5.01 0.78 4.17
C ASN B 29 5.62 2.12 3.77
N ALA B 30 6.06 2.88 4.77
CA ALA B 30 6.78 4.13 4.59
C ALA B 30 7.37 4.50 5.96
N PRO B 31 8.50 5.19 5.95
CA PRO B 31 9.15 5.64 7.20
C PRO B 31 8.35 6.74 7.92
N ILE B 32 8.69 6.99 9.18
CA ILE B 32 7.98 7.97 10.00
C ILE B 32 8.50 9.41 9.82
N LEU B 39 7.49 19.04 6.88
CA LEU B 39 6.11 18.76 7.31
C LEU B 39 5.38 17.83 6.35
N GLN B 40 4.36 17.15 6.88
CA GLN B 40 3.57 16.20 6.13
C GLN B 40 2.21 15.97 6.78
N GLY B 41 1.32 15.27 6.05
CA GLY B 41 -0.01 14.99 6.52
C GLY B 41 -0.73 16.26 6.96
N GLU B 42 -1.48 16.13 8.05
CA GLU B 42 -2.25 17.23 8.62
C GLU B 42 -1.42 18.51 8.78
N GLU B 43 -0.14 18.35 9.14
CA GLU B 43 0.73 19.50 9.34
C GLU B 43 1.03 20.21 8.02
N LEU B 44 1.30 19.42 6.99
CA LEU B 44 1.56 20.00 5.67
C LEU B 44 0.37 20.86 5.25
N LEU B 45 -0.82 20.27 5.35
CA LEU B 45 -2.06 20.92 4.89
C LEU B 45 -2.33 22.26 5.58
N ARG B 46 -2.27 22.25 6.91
CA ARG B 46 -2.53 23.45 7.67
C ARG B 46 -1.50 24.54 7.39
N ALA B 47 -0.23 24.15 7.40
CA ALA B 47 0.84 25.09 7.07
C ALA B 47 0.52 25.75 5.72
N LEU B 48 0.13 24.95 4.73
CA LEU B 48 -0.23 25.47 3.42
C LEU B 48 -1.49 26.33 3.46
ZN ZN C . 0.09 -0.66 1.62
C1 OGA D . -0.34 1.45 0.03
C2 OGA D . 0.43 0.62 -0.73
C4 OGA D . 1.74 0.39 -2.80
C5 OGA D . 1.61 0.66 -4.28
O1 OGA D . -0.67 2.53 -0.42
O2 OGA D . -0.74 1.14 1.18
O2' OGA D . 0.80 -0.52 -0.34
O3 OGA D . 0.80 1.45 -4.74
N1 OGA D . 0.80 1.08 -1.91
O4 OGA D . 2.37 0.08 -5.02
S SO4 E . 20.34 -2.98 -16.99
O1 SO4 E . 20.89 -3.70 -15.85
O2 SO4 E . 19.52 -1.88 -16.49
O3 SO4 E . 21.44 -2.45 -17.77
O4 SO4 E . 19.54 -3.88 -17.82
S SO4 F . 6.16 -5.26 -18.46
O1 SO4 F . 6.27 -5.65 -17.06
O2 SO4 F . 5.31 -4.07 -18.61
O3 SO4 F . 7.53 -4.99 -18.88
O4 SO4 F . 5.58 -6.35 -19.26
#